data_9FZ2
#
_entry.id   9FZ2
#
_cell.length_a   49.869
_cell.length_b   94.873
_cell.length_c   49.904
_cell.angle_alpha   90.00
_cell.angle_beta   94.64
_cell.angle_gamma   90.00
#
_symmetry.space_group_name_H-M   'P 1 21 1'
#
loop_
_entity.id
_entity.type
_entity.pdbx_description
1 polymer Alpha-amylase
2 branched alpha-D-glucopyranose-(1-6)-alpha-D-glucopyranose
3 non-polymer (1~{S},4~{S},5~{R})-6-(hydroxymethyl)cyclohexane-1,2,3,4,5-pentol
4 non-polymer 8-azanyloctan-1-ol
5 non-polymer 'CALCIUM ION'
6 water water
#
_entity_poly.entity_id   1
_entity_poly.type   'polypeptide(L)'
_entity_poly.pdbx_seq_one_letter_code
;SDSSSSKSDSSDGNTAKVADPIEGVKATASTDKYRNYYEIFVNSFCDSNGDETGDLQGIISQLDYLNDGDPNSGDDLGVD
AIWLTPIMPSKSYHKYDVEDYYNIDPDFGTLDDFDKLIEECHKRGINVILDLVLNHASSKNPLFTKAVEEVADNKLDGNA
EYFEIHKASYFDSNTQTISLGNGYACEANFSQEMPEWNLNSKKTREEFTKIAKFWLDRGVDGFRLDACKYFTNKETDGTE
FLKWFYDTCKGIKEDVYMVGENWTDDSDIQELYKSGIDSQFAFKFSTSTGTIISNIISQGGMATAKKIMNYDNKMAESNP
NAINAMFLSNHDQVRSGNALESQGLSSQKLAAAVYMLAPGNPFIYYGEEIGIKAPNTTNDAAYRTQMVFDSENLPDIYVN
GIGDEPDVPTGGGVKQQLADKDSLLNYYRRIITIKNQNPEIARGRIVGTQGFDDKTVGAYYVEYEDSKLLIIHNFSKNDA
KELTITDDMIKNATLRADLIPESSSKHTELKDGKISVPPQSTVIIKSAEGQFYLNEHHHHHH
;
_entity_poly.pdbx_strand_id   A
#
loop_
_chem_comp.id
_chem_comp.type
_chem_comp.name
_chem_comp.formula
A1IHI non-polymer 8-azanyloctan-1-ol 'C8 H19 N O'
CA non-polymer 'CALCIUM ION' 'Ca 2'
GLC D-saccharide, alpha linking alpha-D-glucopyranose 'C6 H12 O6'
PBW non-polymer (1~{S},4~{S},5~{R})-6-(hydroxymethyl)cyclohexane-1,2,3,4,5-pentol 'C7 H14 O6'
#
# COMPACT_ATOMS: atom_id res chain seq x y z
N LYS A 17 -29.64 20.68 1.01
CA LYS A 17 -30.52 20.53 2.19
C LYS A 17 -30.93 19.07 2.41
N VAL A 18 -30.51 18.19 1.49
CA VAL A 18 -30.71 16.76 1.64
C VAL A 18 -29.79 16.29 2.77
N ALA A 19 -30.32 15.52 3.72
CA ALA A 19 -29.55 15.01 4.85
C ALA A 19 -28.36 14.18 4.36
N ASP A 20 -27.23 14.34 5.07
CA ASP A 20 -26.09 13.46 4.86
C ASP A 20 -26.44 12.04 5.34
N PRO A 21 -26.43 11.01 4.48
CA PRO A 21 -26.86 9.67 4.91
C PRO A 21 -25.98 9.01 5.98
N ILE A 22 -24.73 9.49 6.16
CA ILE A 22 -23.85 8.86 7.15
C ILE A 22 -23.88 9.62 8.48
N GLU A 23 -24.65 10.70 8.59
CA GLU A 23 -24.68 11.46 9.84
C GLU A 23 -25.15 10.60 11.03
N GLY A 24 -24.33 10.59 12.09
CA GLY A 24 -24.67 9.92 13.34
C GLY A 24 -24.55 8.40 13.23
N VAL A 25 -24.13 7.85 12.07
CA VAL A 25 -23.95 6.42 11.92
C VAL A 25 -22.66 5.99 12.61
N LYS A 26 -22.77 4.94 13.45
CA LYS A 26 -21.66 4.48 14.28
C LYS A 26 -20.58 3.86 13.42
N ALA A 27 -19.34 4.34 13.67
CA ALA A 27 -18.14 3.78 13.03
C ALA A 27 -17.44 2.88 14.01
N THR A 28 -16.82 1.82 13.49
CA THR A 28 -16.10 0.89 14.35
C THR A 28 -14.67 0.73 13.82
N ALA A 29 -13.70 0.74 14.73
CA ALA A 29 -12.31 0.53 14.33
C ALA A 29 -12.07 -0.93 13.97
N SER A 30 -11.24 -1.14 12.96
CA SER A 30 -10.92 -2.50 12.53
CA SER A 30 -10.96 -2.50 12.53
C SER A 30 -10.08 -3.17 13.59
N THR A 31 -10.36 -4.44 13.86
CA THR A 31 -9.56 -5.19 14.81
C THR A 31 -9.02 -6.45 14.13
N ASP A 32 -9.14 -6.58 12.81
CA ASP A 32 -8.68 -7.77 12.12
C ASP A 32 -7.66 -7.38 11.05
N LYS A 33 -7.42 -8.22 10.04
CA LYS A 33 -6.40 -7.97 9.03
C LYS A 33 -6.79 -6.87 8.05
N TYR A 34 -8.07 -6.52 8.00
CA TYR A 34 -8.60 -5.61 6.98
C TYR A 34 -8.42 -4.16 7.42
N ARG A 35 -7.64 -3.38 6.64
CA ARG A 35 -7.10 -2.11 7.05
C ARG A 35 -7.02 -1.19 5.84
N ASN A 36 -7.09 0.13 6.08
CA ASN A 36 -6.63 1.14 5.12
C ASN A 36 -5.19 1.50 5.54
N TYR A 37 -4.26 1.01 4.71
CA TYR A 37 -2.83 1.09 4.92
C TYR A 37 -2.31 2.44 4.45
N TYR A 38 -1.19 2.86 5.07
CA TYR A 38 -0.51 4.09 4.79
C TYR A 38 0.99 3.79 4.68
N GLU A 39 1.53 3.95 3.48
CA GLU A 39 2.92 3.71 3.18
C GLU A 39 3.74 4.95 3.50
N ILE A 40 4.65 4.81 4.45
CA ILE A 40 5.57 5.88 4.81
C ILE A 40 6.98 5.61 4.32
N PHE A 41 7.44 6.49 3.42
CA PHE A 41 8.84 6.54 3.05
C PHE A 41 9.55 7.34 4.12
N VAL A 42 10.20 6.62 5.04
CA VAL A 42 10.64 7.17 6.31
C VAL A 42 11.47 8.45 6.15
N ASN A 43 12.41 8.44 5.21
CA ASN A 43 13.28 9.57 4.99
C ASN A 43 12.48 10.86 4.84
N SER A 44 11.33 10.79 4.16
CA SER A 44 10.68 11.97 3.60
C SER A 44 9.46 12.43 4.42
N PHE A 45 9.15 11.76 5.52
CA PHE A 45 7.88 12.02 6.21
C PHE A 45 7.99 13.11 7.29
N CYS A 46 8.78 12.91 8.36
CA CYS A 46 8.81 13.91 9.43
C CYS A 46 10.15 13.90 10.17
N ASP A 47 10.86 15.02 10.07
CA ASP A 47 12.14 15.21 10.74
C ASP A 47 11.90 15.83 12.12
N SER A 48 12.28 15.13 13.19
CA SER A 48 12.11 15.61 14.56
C SER A 48 13.36 16.26 15.16
N ASN A 49 14.51 16.28 14.44
CA ASN A 49 15.76 16.70 15.08
C ASN A 49 16.72 17.47 14.15
N GLY A 50 16.17 18.06 13.10
CA GLY A 50 16.82 19.13 12.36
C GLY A 50 17.94 18.76 11.37
N ASP A 51 18.23 17.47 11.17
CA ASP A 51 19.26 17.08 10.19
C ASP A 51 18.76 17.02 8.75
N GLU A 52 17.47 17.25 8.52
CA GLU A 52 16.82 17.18 7.21
C GLU A 52 16.58 15.73 6.79
N THR A 53 16.53 14.81 7.76
CA THR A 53 16.20 13.43 7.48
C THR A 53 14.99 13.03 8.34
N GLY A 54 13.96 12.45 7.73
CA GLY A 54 12.83 11.98 8.51
C GLY A 54 13.21 10.79 9.40
N ASP A 55 12.52 10.67 10.54
CA ASP A 55 12.94 9.73 11.56
C ASP A 55 11.71 9.16 12.28
N LEU A 56 11.93 8.12 13.11
CA LEU A 56 10.83 7.48 13.83
C LEU A 56 10.13 8.42 14.83
N GLN A 57 10.88 9.26 15.55
CA GLN A 57 10.27 10.24 16.46
C GLN A 57 9.38 11.21 15.70
N GLY A 58 9.76 11.53 14.46
CA GLY A 58 8.92 12.36 13.63
C GLY A 58 7.59 11.68 13.32
N ILE A 59 7.63 10.38 13.00
CA ILE A 59 6.39 9.66 12.78
C ILE A 59 5.54 9.68 14.06
N ILE A 60 6.16 9.33 15.21
CA ILE A 60 5.48 9.32 16.50
C ILE A 60 4.74 10.65 16.71
N SER A 61 5.43 11.76 16.39
CA SER A 61 4.90 13.10 16.66
C SER A 61 3.61 13.37 15.89
N GLN A 62 3.41 12.64 14.79
CA GLN A 62 2.28 12.84 13.89
C GLN A 62 1.27 11.68 13.97
N LEU A 63 1.36 10.81 14.98
CA LEU A 63 0.44 9.69 15.01
C LEU A 63 -1.02 10.13 15.17
N ASP A 64 -1.30 11.22 15.91
CA ASP A 64 -2.70 11.61 16.05
C ASP A 64 -3.31 12.12 14.74
N TYR A 65 -2.48 12.65 13.82
CA TYR A 65 -2.95 12.93 12.46
C TYR A 65 -3.33 11.63 11.74
N LEU A 66 -2.52 10.59 11.84
CA LEU A 66 -2.83 9.34 11.21
C LEU A 66 -4.06 8.65 11.81
N ASN A 67 -4.16 8.54 13.14
CA ASN A 67 -5.33 7.93 13.74
C ASN A 67 -5.36 8.37 15.21
N ASP A 68 -6.45 9.00 15.63
CA ASP A 68 -6.55 9.48 17.01
C ASP A 68 -7.15 8.40 17.93
N GLY A 69 -7.53 7.25 17.38
CA GLY A 69 -8.01 6.14 18.20
C GLY A 69 -9.51 6.16 18.45
N ASP A 70 -10.20 7.21 17.96
CA ASP A 70 -11.64 7.29 18.09
C ASP A 70 -12.28 7.48 16.73
N PRO A 71 -12.84 6.39 16.15
CA PRO A 71 -13.45 6.49 14.82
C PRO A 71 -14.70 7.35 14.72
N ASN A 72 -15.22 7.85 15.86
CA ASN A 72 -16.47 8.60 15.87
C ASN A 72 -16.28 10.09 16.15
N SER A 73 -15.04 10.56 16.27
CA SER A 73 -14.83 11.99 16.46
C SER A 73 -13.43 12.34 15.98
N GLY A 74 -13.15 13.63 15.84
CA GLY A 74 -11.82 14.14 15.59
C GLY A 74 -11.63 14.53 14.12
N ASP A 75 -10.39 14.89 13.74
CA ASP A 75 -10.08 15.28 12.36
C ASP A 75 -8.78 14.62 11.91
N ASP A 76 -8.63 13.37 12.31
CA ASP A 76 -7.53 12.56 11.88
C ASP A 76 -7.88 11.96 10.52
N LEU A 77 -6.85 11.56 9.77
CA LEU A 77 -7.01 10.85 8.52
C LEU A 77 -7.82 9.57 8.77
N GLY A 78 -7.35 8.73 9.68
CA GLY A 78 -8.10 7.55 10.07
C GLY A 78 -7.45 6.25 9.65
N VAL A 79 -6.28 6.28 8.98
CA VAL A 79 -5.69 5.01 8.57
C VAL A 79 -5.44 4.15 9.79
N ASP A 80 -5.48 2.83 9.61
CA ASP A 80 -5.36 1.89 10.70
C ASP A 80 -4.28 0.84 10.53
N ALA A 81 -3.33 1.09 9.61
CA ALA A 81 -2.09 0.34 9.49
C ALA A 81 -1.06 1.17 8.73
N ILE A 82 0.19 1.06 9.18
CA ILE A 82 1.31 1.69 8.50
C ILE A 82 2.24 0.62 7.97
N TRP A 83 2.74 0.83 6.74
CA TRP A 83 3.86 0.12 6.18
C TRP A 83 5.02 1.09 6.15
N LEU A 84 6.05 0.78 6.92
CA LEU A 84 7.31 1.50 6.96
C LEU A 84 8.23 0.92 5.88
N THR A 85 8.75 1.76 5.01
CA THR A 85 9.89 1.40 4.19
C THR A 85 11.09 1.01 5.06
N PRO A 86 12.19 0.46 4.52
CA PRO A 86 13.24 -0.10 5.38
C PRO A 86 13.79 0.85 6.42
N ILE A 87 13.89 0.33 7.64
CA ILE A 87 14.32 1.12 8.78
C ILE A 87 15.67 0.66 9.34
N MET A 88 16.29 -0.34 8.71
CA MET A 88 17.49 -0.91 9.28
C MET A 88 18.74 -0.21 8.72
N PRO A 89 19.91 -0.31 9.41
CA PRO A 89 21.14 0.37 8.98
C PRO A 89 21.42 0.12 7.51
N SER A 90 21.65 1.22 6.81
CA SER A 90 22.04 1.24 5.42
C SER A 90 22.65 2.58 5.09
N LYS A 91 23.59 2.57 4.16
CA LYS A 91 24.19 3.82 3.75
C LYS A 91 23.28 4.66 2.88
N SER A 92 22.24 4.09 2.27
CA SER A 92 21.44 4.83 1.30
C SER A 92 20.26 5.53 1.99
N TYR A 93 19.65 6.50 1.29
CA TYR A 93 18.51 7.19 1.88
C TYR A 93 17.24 6.33 1.86
N HIS A 94 17.15 5.36 0.94
CA HIS A 94 16.00 4.48 0.80
C HIS A 94 16.12 3.19 1.64
N LYS A 95 17.34 2.71 1.85
CA LYS A 95 17.71 1.63 2.76
C LYS A 95 17.23 0.25 2.29
N TYR A 96 16.96 0.05 0.99
CA TYR A 96 16.66 -1.28 0.50
C TYR A 96 17.90 -2.18 0.40
N ASP A 97 19.09 -1.62 0.61
CA ASP A 97 20.33 -2.35 0.78
C ASP A 97 20.63 -2.48 2.28
N VAL A 98 20.25 -3.62 2.86
CA VAL A 98 20.20 -3.78 4.32
C VAL A 98 21.57 -4.26 4.82
N GLU A 99 22.19 -3.45 5.69
CA GLU A 99 23.51 -3.72 6.24
C GLU A 99 23.44 -4.43 7.58
N ASP A 100 22.26 -4.44 8.24
CA ASP A 100 22.10 -5.09 9.54
C ASP A 100 20.61 -5.31 9.76
N TYR A 101 20.18 -6.56 9.81
CA TYR A 101 18.75 -6.87 9.88
C TYR A 101 18.21 -6.84 11.30
N TYR A 102 19.04 -6.47 12.30
CA TYR A 102 18.62 -6.53 13.69
C TYR A 102 18.73 -5.20 14.43
N ASN A 103 18.62 -4.08 13.71
CA ASN A 103 18.69 -2.80 14.38
C ASN A 103 18.02 -1.75 13.52
N ILE A 104 18.07 -0.53 14.03
CA ILE A 104 17.51 0.67 13.40
C ILE A 104 18.67 1.50 12.88
N ASP A 105 18.54 2.02 11.66
CA ASP A 105 19.50 2.99 11.16
C ASP A 105 19.57 4.18 12.10
N PRO A 106 20.78 4.62 12.48
CA PRO A 106 20.95 5.70 13.47
C PRO A 106 20.24 7.00 13.13
N ASP A 107 20.12 7.30 11.82
CA ASP A 107 19.39 8.48 11.41
C ASP A 107 17.92 8.37 11.78
N PHE A 108 17.36 7.15 11.81
CA PHE A 108 15.94 6.99 12.11
C PHE A 108 15.69 6.92 13.62
N GLY A 109 16.70 6.55 14.42
CA GLY A 109 16.52 6.44 15.85
C GLY A 109 17.16 5.15 16.34
N THR A 110 16.67 4.67 17.48
CA THR A 110 17.16 3.48 18.13
C THR A 110 16.02 2.48 18.23
N LEU A 111 16.35 1.28 18.71
CA LEU A 111 15.33 0.27 18.96
C LEU A 111 14.35 0.77 20.04
N ASP A 112 14.80 1.62 20.98
CA ASP A 112 13.88 2.21 21.94
C ASP A 112 12.84 3.10 21.24
N ASP A 113 13.28 3.94 20.29
CA ASP A 113 12.34 4.74 19.52
C ASP A 113 11.38 3.82 18.75
N PHE A 114 11.90 2.69 18.23
CA PHE A 114 11.06 1.76 17.50
C PHE A 114 9.99 1.16 18.42
N ASP A 115 10.39 0.76 19.64
CA ASP A 115 9.44 0.18 20.58
C ASP A 115 8.36 1.21 20.94
N LYS A 116 8.74 2.50 21.03
CA LYS A 116 7.80 3.56 21.35
CA LYS A 116 7.78 3.53 21.37
C LYS A 116 6.79 3.67 20.21
N LEU A 117 7.30 3.61 18.98
CA LEU A 117 6.43 3.70 17.82
C LEU A 117 5.40 2.59 17.77
N ILE A 118 5.84 1.36 18.08
CA ILE A 118 4.90 0.25 18.12
C ILE A 118 3.83 0.46 19.19
N GLU A 119 4.28 0.82 20.39
CA GLU A 119 3.36 1.00 21.49
C GLU A 119 2.32 2.07 21.11
N GLU A 120 2.78 3.19 20.56
CA GLU A 120 1.90 4.32 20.26
C GLU A 120 0.96 4.07 19.09
N CYS A 121 1.43 3.27 18.13
CA CYS A 121 0.57 2.85 17.05
C CYS A 121 -0.54 1.96 17.61
N HIS A 122 -0.17 0.89 18.31
CA HIS A 122 -1.15 -0.02 18.84
C HIS A 122 -2.17 0.66 19.77
N LYS A 123 -1.76 1.67 20.57
CA LYS A 123 -2.70 2.38 21.42
C LYS A 123 -3.80 3.04 20.58
N ARG A 124 -3.48 3.43 19.33
CA ARG A 124 -4.44 4.11 18.48
C ARG A 124 -5.16 3.16 17.52
N GLY A 125 -4.90 1.86 17.62
CA GLY A 125 -5.51 0.90 16.70
C GLY A 125 -4.81 0.83 15.34
N ILE A 126 -3.54 1.26 15.30
CA ILE A 126 -2.74 1.25 14.08
C ILE A 126 -1.83 0.03 14.13
N ASN A 127 -1.98 -0.89 13.14
CA ASN A 127 -1.04 -1.98 12.93
C ASN A 127 0.21 -1.49 12.19
N VAL A 128 1.30 -2.22 12.33
CA VAL A 128 2.58 -1.81 11.71
C VAL A 128 3.16 -3.02 11.02
N ILE A 129 3.46 -2.86 9.73
CA ILE A 129 4.29 -3.82 9.01
C ILE A 129 5.58 -3.21 8.51
N LEU A 130 6.60 -4.07 8.47
CA LEU A 130 7.95 -3.68 8.12
C LEU A 130 8.31 -4.18 6.74
N ASP A 131 9.11 -3.38 6.05
CA ASP A 131 9.72 -3.77 4.80
C ASP A 131 10.86 -4.73 5.11
N LEU A 132 10.62 -6.03 4.89
CA LEU A 132 11.60 -7.07 5.17
C LEU A 132 12.16 -7.57 3.84
N VAL A 133 13.44 -7.21 3.54
CA VAL A 133 14.00 -7.42 2.20
C VAL A 133 14.67 -8.79 2.21
N LEU A 134 14.01 -9.77 1.59
CA LEU A 134 14.49 -11.15 1.63
C LEU A 134 15.17 -11.54 0.31
N ASN A 135 14.95 -10.81 -0.78
CA ASN A 135 15.55 -11.19 -2.04
C ASN A 135 17.03 -10.87 -2.01
N HIS A 136 17.40 -9.81 -1.30
CA HIS A 136 18.76 -9.30 -1.39
C HIS A 136 19.16 -8.60 -0.10
N ALA A 137 20.48 -8.54 0.15
CA ALA A 137 21.13 -7.85 1.25
C ALA A 137 22.02 -6.73 0.72
N SER A 138 22.54 -5.87 1.63
CA SER A 138 23.62 -4.97 1.24
C SER A 138 24.93 -5.71 0.97
N SER A 139 25.73 -5.21 0.01
CA SER A 139 27.07 -5.71 -0.23
C SER A 139 28.02 -5.40 0.94
N LYS A 140 27.56 -4.57 1.90
CA LYS A 140 28.31 -4.30 3.12
C LYS A 140 27.70 -4.97 4.33
N ASN A 141 26.67 -5.81 4.13
CA ASN A 141 26.24 -6.64 5.23
C ASN A 141 27.40 -7.56 5.62
N PRO A 142 27.77 -7.63 6.91
CA PRO A 142 28.89 -8.48 7.35
C PRO A 142 28.76 -9.93 6.94
N LEU A 143 27.53 -10.45 6.80
CA LEU A 143 27.42 -11.81 6.33
C LEU A 143 28.01 -11.91 4.92
N PHE A 144 27.82 -10.87 4.12
CA PHE A 144 28.26 -10.87 2.74
C PHE A 144 29.75 -10.55 2.59
N THR A 145 30.25 -9.56 3.33
CA THR A 145 31.66 -9.25 3.26
C THR A 145 32.50 -10.48 3.64
N LYS A 146 32.01 -11.31 4.57
CA LYS A 146 32.70 -12.55 4.91
C LYS A 146 32.66 -13.53 3.73
N ALA A 147 31.49 -13.64 3.10
CA ALA A 147 31.36 -14.50 1.94
C ALA A 147 32.40 -14.08 0.89
N VAL A 148 32.54 -12.77 0.64
CA VAL A 148 33.45 -12.27 -0.39
C VAL A 148 34.89 -12.68 -0.07
N GLU A 149 35.29 -12.53 1.19
CA GLU A 149 36.63 -12.91 1.60
C GLU A 149 36.85 -14.40 1.38
N GLU A 150 35.88 -15.20 1.81
CA GLU A 150 36.02 -16.64 1.71
C GLU A 150 36.07 -17.08 0.23
N VAL A 151 35.27 -16.49 -0.67
CA VAL A 151 35.26 -16.87 -2.09
C VAL A 151 36.63 -16.54 -2.70
N ALA A 152 37.24 -15.44 -2.24
CA ALA A 152 38.54 -15.03 -2.75
C ALA A 152 39.62 -16.05 -2.34
N ASP A 153 39.33 -16.93 -1.35
CA ASP A 153 40.21 -18.00 -0.89
CA ASP A 153 40.28 -17.99 -1.01
C ASP A 153 39.69 -19.36 -1.33
N ASN A 154 38.78 -19.41 -2.32
CA ASN A 154 38.19 -20.64 -2.86
C ASN A 154 37.49 -21.42 -1.76
N LYS A 155 36.93 -20.71 -0.80
CA LYS A 155 36.07 -21.34 0.19
C LYS A 155 34.61 -20.99 -0.13
N LEU A 156 33.81 -21.98 -0.58
CA LEU A 156 32.44 -21.76 -1.00
C LEU A 156 31.44 -22.36 -0.02
N ASP A 157 31.91 -23.08 1.00
CA ASP A 157 31.04 -23.86 1.88
C ASP A 157 30.87 -23.20 3.25
N GLY A 158 31.19 -21.91 3.36
CA GLY A 158 30.90 -21.13 4.55
C GLY A 158 29.77 -20.14 4.29
N ASN A 159 30.12 -18.88 4.45
CA ASN A 159 29.17 -17.79 4.29
C ASN A 159 28.72 -17.65 2.84
N ALA A 160 29.48 -18.15 1.85
CA ALA A 160 28.99 -18.09 0.47
C ALA A 160 27.64 -18.82 0.37
N GLU A 161 27.39 -19.82 1.24
CA GLU A 161 26.18 -20.60 1.17
C GLU A 161 24.92 -19.77 1.49
N TYR A 162 25.06 -18.60 2.13
CA TYR A 162 23.89 -17.73 2.29
C TYR A 162 23.41 -17.09 0.98
N PHE A 163 24.32 -16.91 0.01
CA PHE A 163 24.08 -16.03 -1.12
C PHE A 163 24.07 -16.80 -2.43
N GLU A 164 23.57 -16.14 -3.48
CA GLU A 164 23.31 -16.79 -4.76
C GLU A 164 24.60 -16.75 -5.57
N ILE A 165 25.61 -17.46 -5.03
CA ILE A 165 26.99 -17.45 -5.52
C ILE A 165 27.25 -18.73 -6.29
N HIS A 166 27.75 -18.54 -7.50
CA HIS A 166 28.03 -19.62 -8.43
C HIS A 166 29.13 -19.17 -9.40
N LYS A 167 29.68 -20.13 -10.18
CA LYS A 167 30.57 -19.72 -11.24
C LYS A 167 29.79 -18.82 -12.20
N ALA A 168 30.46 -17.90 -12.88
CA ALA A 168 29.78 -16.97 -13.79
C ALA A 168 28.92 -17.70 -14.81
N SER A 169 29.39 -18.87 -15.25
CA SER A 169 28.75 -19.61 -16.33
C SER A 169 27.43 -20.23 -15.88
N TYR A 170 27.19 -20.32 -14.57
CA TYR A 170 25.94 -20.91 -14.11
C TYR A 170 24.71 -20.06 -14.45
N PHE A 171 24.87 -18.73 -14.42
CA PHE A 171 23.72 -17.84 -14.44
C PHE A 171 23.05 -17.93 -15.80
N ASP A 172 21.70 -17.88 -15.78
CA ASP A 172 20.92 -17.54 -16.94
C ASP A 172 21.58 -16.29 -17.52
N SER A 173 21.59 -16.19 -18.85
CA SER A 173 22.28 -15.12 -19.54
C SER A 173 21.78 -13.73 -19.13
N ASN A 174 20.47 -13.51 -18.97
CA ASN A 174 20.00 -12.15 -18.71
C ASN A 174 20.01 -11.77 -17.23
N THR A 175 20.82 -12.45 -16.41
CA THR A 175 20.90 -12.14 -15.00
C THR A 175 22.15 -11.30 -14.72
N GLN A 176 21.98 -10.09 -14.17
CA GLN A 176 23.10 -9.26 -13.75
C GLN A 176 23.69 -9.82 -12.47
N THR A 177 25.02 -9.70 -12.35
CA THR A 177 25.74 -10.27 -11.22
C THR A 177 26.76 -9.25 -10.69
N ILE A 178 27.27 -9.57 -9.49
CA ILE A 178 28.42 -8.99 -8.83
C ILE A 178 29.59 -9.94 -9.06
N SER A 179 30.70 -9.39 -9.53
CA SER A 179 31.91 -10.18 -9.75
C SER A 179 32.66 -10.45 -8.45
N LEU A 180 32.91 -11.74 -8.15
CA LEU A 180 33.68 -12.14 -6.99
C LEU A 180 35.03 -12.71 -7.43
N GLY A 181 35.82 -13.22 -6.49
CA GLY A 181 37.13 -13.73 -6.89
C GLY A 181 36.99 -15.10 -7.55
N ASN A 182 38.09 -15.54 -8.20
CA ASN A 182 38.27 -16.89 -8.69
C ASN A 182 37.17 -17.29 -9.68
N GLY A 183 36.63 -16.32 -10.43
CA GLY A 183 35.67 -16.62 -11.48
C GLY A 183 34.24 -16.82 -11.01
N TYR A 184 33.96 -16.58 -9.72
CA TYR A 184 32.64 -16.67 -9.11
C TYR A 184 31.90 -15.33 -9.26
N ALA A 185 30.58 -15.39 -9.09
CA ALA A 185 29.72 -14.22 -9.15
C ALA A 185 28.52 -14.44 -8.22
N CYS A 186 27.87 -13.34 -7.86
CA CYS A 186 26.63 -13.39 -7.07
C CYS A 186 25.54 -12.74 -7.89
N GLU A 187 24.37 -13.39 -7.96
CA GLU A 187 23.18 -12.82 -8.59
C GLU A 187 22.89 -11.46 -7.94
N ALA A 188 22.57 -10.47 -8.78
CA ALA A 188 22.31 -9.12 -8.30
C ALA A 188 21.46 -8.40 -9.34
N ASN A 189 20.16 -8.69 -9.37
CA ASN A 189 19.30 -8.10 -10.38
C ASN A 189 19.20 -6.58 -10.26
N PHE A 190 19.29 -6.04 -9.04
CA PHE A 190 18.91 -4.64 -8.82
C PHE A 190 20.09 -3.69 -8.79
N SER A 191 21.23 -4.15 -8.28
CA SER A 191 22.40 -3.33 -8.11
C SER A 191 23.60 -4.17 -7.67
N GLN A 192 24.81 -3.67 -7.94
CA GLN A 192 26.03 -4.26 -7.45
C GLN A 192 26.14 -4.14 -5.93
N GLU A 193 25.29 -3.30 -5.31
CA GLU A 193 25.30 -3.15 -3.87
C GLU A 193 24.20 -4.01 -3.22
N MET A 194 23.51 -4.85 -4.01
CA MET A 194 22.37 -5.65 -3.54
C MET A 194 22.51 -7.11 -3.97
N PRO A 195 23.50 -7.82 -3.42
CA PRO A 195 23.63 -9.25 -3.67
C PRO A 195 22.44 -10.04 -3.14
N GLU A 196 22.09 -11.08 -3.90
CA GLU A 196 20.89 -11.83 -3.57
C GLU A 196 21.18 -13.02 -2.67
N TRP A 197 20.22 -13.25 -1.77
CA TRP A 197 20.22 -14.41 -0.91
C TRP A 197 19.94 -15.68 -1.73
N ASN A 198 20.49 -16.82 -1.28
CA ASN A 198 20.08 -18.12 -1.75
C ASN A 198 18.93 -18.60 -0.89
N LEU A 199 17.71 -18.54 -1.45
CA LEU A 199 16.50 -18.82 -0.71
C LEU A 199 16.31 -20.31 -0.46
N ASN A 200 17.11 -21.15 -1.12
CA ASN A 200 17.08 -22.59 -0.90
C ASN A 200 18.00 -23.00 0.24
N SER A 201 18.91 -22.12 0.67
CA SER A 201 19.93 -22.46 1.64
C SER A 201 19.33 -22.68 3.05
N LYS A 202 19.73 -23.79 3.69
CA LYS A 202 19.39 -24.10 5.07
C LYS A 202 19.78 -22.94 5.98
N LYS A 203 21.00 -22.43 5.78
CA LYS A 203 21.58 -21.36 6.59
C LYS A 203 20.74 -20.09 6.43
N THR A 204 20.31 -19.81 5.21
CA THR A 204 19.55 -18.60 4.95
C THR A 204 18.19 -18.70 5.66
N ARG A 205 17.55 -19.87 5.53
CA ARG A 205 16.26 -20.09 6.17
C ARG A 205 16.41 -19.94 7.70
N GLU A 206 17.45 -20.53 8.28
CA GLU A 206 17.74 -20.31 9.70
C GLU A 206 17.85 -18.83 10.04
N GLU A 207 18.58 -18.08 9.22
CA GLU A 207 18.80 -16.66 9.47
C GLU A 207 17.48 -15.90 9.39
N PHE A 208 16.66 -16.20 8.37
CA PHE A 208 15.39 -15.52 8.17
C PHE A 208 14.42 -15.80 9.31
N THR A 209 14.43 -17.03 9.86
CA THR A 209 13.61 -17.37 11.00
C THR A 209 14.00 -16.47 12.18
N LYS A 210 15.32 -16.29 12.37
CA LYS A 210 15.81 -15.46 13.46
C LYS A 210 15.41 -13.98 13.29
N ILE A 211 15.51 -13.50 12.06
CA ILE A 211 15.18 -12.11 11.78
C ILE A 211 13.67 -11.87 11.94
N ALA A 212 12.87 -12.77 11.36
CA ALA A 212 11.43 -12.70 11.53
C ALA A 212 11.05 -12.66 13.02
N LYS A 213 11.57 -13.61 13.81
CA LYS A 213 11.21 -13.66 15.22
C LYS A 213 11.66 -12.40 15.96
N PHE A 214 12.85 -11.90 15.63
CA PHE A 214 13.36 -10.70 16.25
C PHE A 214 12.34 -9.56 16.16
N TRP A 215 11.78 -9.34 14.96
CA TRP A 215 10.88 -8.20 14.79
C TRP A 215 9.46 -8.53 15.26
N LEU A 216 9.03 -9.77 15.05
CA LEU A 216 7.70 -10.16 15.51
C LEU A 216 7.63 -10.09 17.04
N ASP A 217 8.72 -10.44 17.71
CA ASP A 217 8.77 -10.37 19.16
C ASP A 217 8.72 -8.92 19.66
N ARG A 218 8.98 -7.95 18.79
CA ARG A 218 8.84 -6.54 19.15
C ARG A 218 7.46 -5.95 18.85
N GLY A 219 6.49 -6.75 18.44
CA GLY A 219 5.11 -6.32 18.33
C GLY A 219 4.76 -6.01 16.87
N VAL A 220 5.66 -6.25 15.92
CA VAL A 220 5.37 -6.03 14.51
C VAL A 220 4.21 -6.94 14.06
N ASP A 221 3.31 -6.40 13.22
CA ASP A 221 2.07 -7.08 12.85
C ASP A 221 2.27 -7.93 11.58
N GLY A 222 3.37 -7.69 10.87
CA GLY A 222 3.68 -8.43 9.66
C GLY A 222 4.67 -7.66 8.80
N PHE A 223 4.73 -8.04 7.52
CA PHE A 223 5.78 -7.56 6.63
C PHE A 223 5.23 -7.18 5.28
N ARG A 224 5.90 -6.20 4.63
CA ARG A 224 5.84 -6.03 3.19
C ARG A 224 7.07 -6.73 2.59
N LEU A 225 6.84 -7.60 1.59
CA LEU A 225 7.92 -8.39 1.02
C LEU A 225 8.20 -7.92 -0.40
N ASP A 226 9.30 -7.16 -0.58
CA ASP A 226 9.69 -6.62 -1.86
C ASP A 226 10.24 -7.72 -2.79
N ALA A 227 10.14 -7.53 -4.10
CA ALA A 227 10.92 -8.28 -5.10
C ALA A 227 10.57 -9.76 -5.11
N CYS A 228 9.30 -10.10 -4.86
CA CYS A 228 8.84 -11.49 -4.93
C CYS A 228 9.02 -12.10 -6.33
N LYS A 229 9.00 -11.27 -7.38
CA LYS A 229 9.25 -11.72 -8.76
C LYS A 229 10.61 -12.42 -8.83
N TYR A 230 11.55 -11.99 -7.98
CA TYR A 230 12.90 -12.53 -8.05
C TYR A 230 13.16 -13.56 -6.96
N PHE A 231 12.12 -14.06 -6.30
CA PHE A 231 12.28 -15.26 -5.48
C PHE A 231 12.49 -16.50 -6.36
N THR A 232 11.70 -16.62 -7.40
CA THR A 232 11.86 -17.73 -8.33
C THR A 232 13.05 -17.47 -9.23
N ASN A 233 13.85 -18.53 -9.44
CA ASN A 233 14.98 -18.46 -10.37
C ASN A 233 15.27 -19.88 -10.86
N LYS A 234 16.42 -20.03 -11.52
CA LYS A 234 16.80 -21.29 -12.13
C LYS A 234 16.65 -22.45 -11.14
N GLU A 235 16.99 -22.26 -9.85
CA GLU A 235 16.91 -23.37 -8.90
C GLU A 235 15.91 -23.19 -7.77
N THR A 236 15.26 -22.02 -7.67
CA THR A 236 14.41 -21.68 -6.54
C THR A 236 12.97 -21.60 -7.02
N ASP A 237 12.09 -22.31 -6.31
CA ASP A 237 10.65 -22.16 -6.44
C ASP A 237 10.19 -21.12 -5.42
N GLY A 238 9.83 -19.91 -5.90
CA GLY A 238 9.48 -18.83 -5.00
C GLY A 238 8.23 -19.12 -4.17
N THR A 239 7.31 -19.91 -4.73
CA THR A 239 6.09 -20.23 -4.02
C THR A 239 6.43 -21.13 -2.84
N GLU A 240 7.34 -22.08 -3.05
CA GLU A 240 7.78 -22.96 -1.98
C GLU A 240 8.49 -22.18 -0.89
N PHE A 241 9.35 -21.22 -1.28
CA PHE A 241 10.07 -20.41 -0.32
C PHE A 241 9.10 -19.57 0.51
N LEU A 242 8.17 -18.88 -0.16
CA LEU A 242 7.27 -17.98 0.54
C LEU A 242 6.31 -18.75 1.46
N LYS A 243 5.84 -19.92 1.02
CA LYS A 243 5.06 -20.77 1.90
C LYS A 243 5.82 -21.16 3.17
N TRP A 244 7.09 -21.56 2.99
CA TRP A 244 7.94 -21.95 4.12
C TRP A 244 8.05 -20.77 5.08
N PHE A 245 8.31 -19.56 4.53
CA PHE A 245 8.55 -18.38 5.34
C PHE A 245 7.27 -17.93 6.03
N TYR A 246 6.19 -17.86 5.24
CA TYR A 246 4.91 -17.44 5.77
C TYR A 246 4.45 -18.35 6.91
N ASP A 247 4.57 -19.67 6.74
CA ASP A 247 4.10 -20.60 7.76
C ASP A 247 4.96 -20.57 9.01
N THR A 248 6.26 -20.34 8.82
CA THR A 248 7.17 -20.11 9.93
C THR A 248 6.68 -18.93 10.76
N CYS A 249 6.34 -17.83 10.09
CA CYS A 249 5.96 -16.62 10.79
C CYS A 249 4.57 -16.82 11.42
N LYS A 250 3.67 -17.62 10.83
CA LYS A 250 2.39 -17.93 11.45
C LYS A 250 2.52 -18.71 12.76
N GLY A 251 3.52 -19.61 12.82
CA GLY A 251 3.86 -20.30 14.04
C GLY A 251 4.29 -19.33 15.14
N ILE A 252 5.05 -18.28 14.76
CA ILE A 252 5.49 -17.25 15.69
C ILE A 252 4.32 -16.36 16.10
N LYS A 253 3.51 -15.96 15.09
CA LYS A 253 2.38 -15.04 15.27
C LYS A 253 1.23 -15.48 14.35
N GLU A 254 0.20 -16.13 14.91
CA GLU A 254 -0.79 -16.82 14.11
C GLU A 254 -1.51 -15.88 13.14
N ASP A 255 -1.72 -14.64 13.55
CA ASP A 255 -2.42 -13.68 12.70
C ASP A 255 -1.50 -12.67 11.99
N VAL A 256 -0.26 -13.08 11.78
CA VAL A 256 0.69 -12.31 10.98
C VAL A 256 0.10 -12.02 9.60
N TYR A 257 0.36 -10.79 9.12
CA TYR A 257 -0.17 -10.35 7.85
C TYR A 257 1.01 -10.02 6.95
N MET A 258 1.00 -10.53 5.70
CA MET A 258 2.02 -10.10 4.74
C MET A 258 1.42 -9.66 3.41
N VAL A 259 2.09 -8.65 2.80
CA VAL A 259 1.76 -8.21 1.47
C VAL A 259 3.03 -8.31 0.64
N GLY A 260 2.94 -8.95 -0.54
CA GLY A 260 4.06 -9.12 -1.44
C GLY A 260 4.00 -8.14 -2.62
N GLU A 261 5.16 -7.54 -2.93
CA GLU A 261 5.35 -6.93 -4.23
C GLU A 261 5.77 -8.01 -5.22
N ASN A 262 4.89 -8.32 -6.17
CA ASN A 262 5.17 -9.29 -7.23
C ASN A 262 4.81 -8.56 -8.52
N TRP A 263 5.79 -7.84 -9.06
CA TRP A 263 5.57 -6.88 -10.12
C TRP A 263 5.62 -7.59 -11.46
N THR A 264 4.49 -8.22 -11.83
CA THR A 264 4.48 -9.19 -12.92
C THR A 264 3.04 -9.46 -13.37
N ASP A 265 2.87 -10.40 -14.31
CA ASP A 265 1.56 -10.64 -14.90
C ASP A 265 0.65 -11.36 -13.89
N ASP A 266 -0.63 -11.43 -14.25
CA ASP A 266 -1.62 -11.98 -13.34
C ASP A 266 -1.33 -13.44 -13.04
N SER A 267 -0.83 -14.21 -14.01
CA SER A 267 -0.73 -15.65 -13.80
C SER A 267 0.35 -15.93 -12.76
N ASP A 268 1.40 -15.10 -12.73
CA ASP A 268 2.47 -15.20 -11.74
C ASP A 268 1.97 -14.79 -10.35
N ILE A 269 1.09 -13.77 -10.29
CA ILE A 269 0.45 -13.40 -9.01
C ILE A 269 -0.47 -14.54 -8.52
N GLN A 270 -1.30 -15.13 -9.42
CA GLN A 270 -2.10 -16.30 -9.09
C GLN A 270 -1.23 -17.41 -8.48
N GLU A 271 -0.12 -17.70 -9.15
CA GLU A 271 0.81 -18.75 -8.74
C GLU A 271 1.29 -18.45 -7.33
N LEU A 272 1.70 -17.20 -7.08
CA LEU A 272 2.37 -16.92 -5.81
C LEU A 272 1.37 -17.00 -4.65
N TYR A 273 0.08 -16.78 -4.95
CA TYR A 273 -0.94 -16.86 -3.91
C TYR A 273 -1.10 -18.28 -3.35
N LYS A 274 -0.61 -19.30 -4.03
CA LYS A 274 -0.67 -20.63 -3.47
C LYS A 274 0.25 -20.78 -2.25
N SER A 275 1.06 -19.75 -1.97
CA SER A 275 1.88 -19.70 -0.76
C SER A 275 1.05 -19.49 0.49
N GLY A 276 -0.17 -18.96 0.32
CA GLY A 276 -1.02 -18.58 1.42
C GLY A 276 -0.74 -17.17 1.95
N ILE A 277 0.17 -16.41 1.31
CA ILE A 277 0.41 -15.01 1.62
C ILE A 277 -0.93 -14.27 1.51
N ASP A 278 -1.17 -13.36 2.47
CA ASP A 278 -2.47 -12.70 2.50
C ASP A 278 -2.72 -11.88 1.24
N SER A 279 -1.67 -11.17 0.77
CA SER A 279 -1.89 -10.08 -0.17
C SER A 279 -0.72 -9.97 -1.13
N GLN A 280 -1.01 -9.52 -2.37
CA GLN A 280 -0.02 -9.03 -3.29
C GLN A 280 -0.56 -7.73 -3.88
N PHE A 281 0.33 -6.79 -4.15
CA PHE A 281 -0.06 -5.49 -4.69
C PHE A 281 -0.68 -5.71 -6.06
N ALA A 282 -1.77 -5.00 -6.34
CA ALA A 282 -2.49 -5.11 -7.60
C ALA A 282 -1.99 -4.08 -8.60
N PHE A 283 -0.79 -4.37 -9.15
CA PHE A 283 -0.13 -3.45 -10.07
C PHE A 283 -1.01 -3.04 -11.26
N LYS A 284 -1.83 -3.96 -11.77
CA LYS A 284 -2.69 -3.76 -12.94
C LYS A 284 -3.50 -2.48 -12.80
N PHE A 285 -3.92 -2.17 -11.56
CA PHE A 285 -4.83 -1.06 -11.35
C PHE A 285 -4.12 0.24 -10.97
N SER A 286 -2.79 0.23 -10.92
CA SER A 286 -1.99 1.35 -10.47
C SER A 286 -1.42 2.16 -11.65
N THR A 287 -1.05 3.40 -11.35
CA THR A 287 -0.40 4.35 -12.27
C THR A 287 -1.33 4.83 -13.38
N SER A 288 -0.85 5.85 -14.11
CA SER A 288 -1.62 6.47 -15.16
C SER A 288 -1.96 5.49 -16.27
N THR A 289 -1.19 4.41 -16.47
CA THR A 289 -1.51 3.47 -17.52
C THR A 289 -2.38 2.33 -16.96
N GLY A 290 -2.54 2.30 -15.62
CA GLY A 290 -3.34 1.28 -14.96
C GLY A 290 -4.85 1.49 -15.11
N THR A 291 -5.62 0.49 -14.69
CA THR A 291 -7.05 0.45 -14.96
C THR A 291 -7.75 1.67 -14.41
N ILE A 292 -7.53 2.00 -13.12
CA ILE A 292 -8.33 2.99 -12.44
C ILE A 292 -8.09 4.37 -13.04
N ILE A 293 -6.85 4.84 -13.06
CA ILE A 293 -6.61 6.20 -13.54
C ILE A 293 -6.94 6.29 -15.04
N SER A 294 -6.58 5.30 -15.86
CA SER A 294 -6.94 5.30 -17.26
C SER A 294 -8.43 5.50 -17.45
N ASN A 295 -9.24 4.79 -16.63
CA ASN A 295 -10.67 4.77 -16.88
C ASN A 295 -11.38 5.94 -16.22
N ILE A 296 -10.78 6.55 -15.20
CA ILE A 296 -11.27 7.82 -14.72
C ILE A 296 -11.10 8.88 -15.79
N ILE A 297 -9.99 8.87 -16.54
CA ILE A 297 -9.81 9.85 -17.60
C ILE A 297 -10.77 9.55 -18.75
N SER A 298 -10.98 8.27 -19.06
CA SER A 298 -11.78 7.89 -20.21
C SER A 298 -13.26 7.76 -19.84
N GLN A 299 -13.61 8.01 -18.57
CA GLN A 299 -15.00 7.91 -18.10
C GLN A 299 -15.56 6.50 -18.34
N GLY A 300 -14.77 5.50 -17.97
CA GLY A 300 -15.08 4.11 -18.16
C GLY A 300 -15.45 3.43 -16.84
N GLY A 301 -16.64 3.73 -16.33
CA GLY A 301 -17.11 3.16 -15.06
C GLY A 301 -17.41 1.67 -15.17
N MET A 302 -18.19 1.28 -16.20
CA MET A 302 -18.64 -0.09 -16.37
C MET A 302 -17.44 -1.02 -16.53
N ALA A 303 -16.43 -0.59 -17.32
CA ALA A 303 -15.24 -1.39 -17.51
C ALA A 303 -14.51 -1.61 -16.18
N THR A 304 -14.40 -0.54 -15.39
CA THR A 304 -13.64 -0.62 -14.14
C THR A 304 -14.31 -1.60 -13.17
N ALA A 305 -15.64 -1.50 -12.98
CA ALA A 305 -16.35 -2.42 -12.09
C ALA A 305 -16.14 -3.87 -12.53
N LYS A 306 -16.18 -4.12 -13.84
CA LYS A 306 -16.02 -5.48 -14.35
C LYS A 306 -14.62 -5.99 -14.02
N LYS A 307 -13.63 -5.14 -14.25
CA LYS A 307 -12.25 -5.55 -14.09
C LYS A 307 -11.91 -5.81 -12.63
N ILE A 308 -12.49 -5.00 -11.71
CA ILE A 308 -12.25 -5.22 -10.28
C ILE A 308 -12.85 -6.55 -9.84
N MET A 309 -14.07 -6.83 -10.29
CA MET A 309 -14.75 -8.07 -9.94
C MET A 309 -13.95 -9.27 -10.44
N ASN A 310 -13.55 -9.23 -11.72
CA ASN A 310 -12.88 -10.37 -12.35
C ASN A 310 -11.51 -10.65 -11.71
N TYR A 311 -10.77 -9.57 -11.40
CA TYR A 311 -9.45 -9.72 -10.80
C TYR A 311 -9.55 -10.21 -9.35
N ASP A 312 -10.37 -9.58 -8.52
CA ASP A 312 -10.50 -9.97 -7.13
C ASP A 312 -10.86 -11.46 -7.03
N ASN A 313 -11.81 -11.87 -7.89
CA ASN A 313 -12.34 -13.22 -7.82
C ASN A 313 -11.35 -14.25 -8.34
N LYS A 314 -10.55 -13.87 -9.36
CA LYS A 314 -9.58 -14.79 -9.95
C LYS A 314 -8.48 -15.09 -8.92
N MET A 315 -8.09 -14.06 -8.16
CA MET A 315 -7.02 -14.21 -7.18
C MET A 315 -7.55 -15.06 -6.03
N ALA A 316 -8.84 -14.93 -5.67
CA ALA A 316 -9.47 -15.72 -4.63
C ALA A 316 -9.52 -17.20 -4.95
N GLU A 317 -9.50 -17.55 -6.25
CA GLU A 317 -9.43 -18.95 -6.69
CA GLU A 317 -9.45 -18.96 -6.65
C GLU A 317 -8.11 -19.57 -6.26
N SER A 318 -7.04 -18.75 -6.26
CA SER A 318 -5.70 -19.23 -5.90
C SER A 318 -5.49 -19.24 -4.38
N ASN A 319 -6.05 -18.23 -3.72
CA ASN A 319 -6.06 -18.16 -2.27
C ASN A 319 -7.45 -17.71 -1.85
N PRO A 320 -8.28 -18.58 -1.24
CA PRO A 320 -9.63 -18.16 -0.86
C PRO A 320 -9.67 -17.08 0.23
N ASN A 321 -8.54 -16.84 0.92
CA ASN A 321 -8.45 -15.78 1.93
C ASN A 321 -7.63 -14.59 1.39
N ALA A 322 -7.40 -14.53 0.07
CA ALA A 322 -6.67 -13.40 -0.52
C ALA A 322 -7.32 -12.08 -0.10
N ILE A 323 -6.46 -11.15 0.31
CA ILE A 323 -6.82 -9.78 0.60
C ILE A 323 -6.16 -8.91 -0.47
N ASN A 324 -6.94 -8.47 -1.47
CA ASN A 324 -6.34 -7.74 -2.58
C ASN A 324 -5.78 -6.43 -2.06
N ALA A 325 -4.70 -5.93 -2.67
CA ALA A 325 -4.06 -4.69 -2.24
C ALA A 325 -4.03 -3.67 -3.35
N MET A 326 -5.08 -2.85 -3.42
CA MET A 326 -5.22 -1.83 -4.44
C MET A 326 -4.44 -0.60 -4.07
N PHE A 327 -3.94 0.13 -5.11
CA PHE A 327 -3.16 1.34 -4.85
C PHE A 327 -3.07 2.16 -6.14
N LEU A 328 -3.00 3.48 -6.03
CA LEU A 328 -2.84 4.36 -7.17
C LEU A 328 -1.38 4.49 -7.58
N SER A 329 -0.48 4.66 -6.61
CA SER A 329 0.94 4.69 -6.91
C SER A 329 1.71 4.49 -5.61
N ASN A 330 2.98 4.07 -5.70
CA ASN A 330 3.84 3.86 -4.55
C ASN A 330 5.15 4.60 -4.77
N HIS A 331 6.16 4.26 -3.95
CA HIS A 331 7.39 5.03 -3.91
C HIS A 331 8.28 4.73 -5.11
N ASP A 332 7.91 3.72 -5.88
CA ASP A 332 8.64 3.35 -7.09
C ASP A 332 7.97 3.84 -8.37
N GLN A 333 6.93 4.68 -8.27
CA GLN A 333 6.18 5.14 -9.43
C GLN A 333 5.94 6.64 -9.31
N VAL A 334 5.69 7.28 -10.45
CA VAL A 334 5.22 8.65 -10.49
C VAL A 334 3.96 8.80 -9.64
N ARG A 335 3.90 9.92 -8.89
CA ARG A 335 2.75 10.24 -8.06
C ARG A 335 1.49 10.28 -8.89
N SER A 336 0.43 9.69 -8.35
CA SER A 336 -0.85 9.62 -9.00
C SER A 336 -1.38 11.00 -9.33
N GLY A 337 -1.04 11.97 -8.50
CA GLY A 337 -1.56 13.33 -8.67
C GLY A 337 -1.01 13.98 -9.94
N ASN A 338 0.18 13.57 -10.39
CA ASN A 338 0.67 14.04 -11.69
C ASN A 338 -0.30 13.75 -12.85
N ALA A 339 -1.07 12.67 -12.78
CA ALA A 339 -2.03 12.38 -13.82
C ALA A 339 -3.42 12.91 -13.48
N LEU A 340 -3.78 12.87 -12.19
CA LEU A 340 -5.17 13.06 -11.82
C LEU A 340 -5.49 14.55 -11.62
N GLU A 341 -4.59 15.31 -11.01
CA GLU A 341 -4.88 16.70 -10.68
C GLU A 341 -5.23 17.50 -11.93
N SER A 342 -4.52 17.29 -13.05
CA SER A 342 -4.78 18.11 -14.24
C SER A 342 -6.15 17.80 -14.83
N GLN A 343 -6.77 16.68 -14.40
CA GLN A 343 -8.12 16.32 -14.83
C GLN A 343 -9.17 16.91 -13.91
N GLY A 344 -8.78 17.63 -12.85
CA GLY A 344 -9.74 18.20 -11.93
C GLY A 344 -9.69 17.45 -10.60
N LEU A 345 -9.89 18.19 -9.51
CA LEU A 345 -9.89 17.60 -8.19
C LEU A 345 -10.96 16.53 -8.04
N SER A 346 -12.08 16.63 -8.74
CA SER A 346 -13.11 15.63 -8.56
C SER A 346 -12.67 14.28 -9.13
N SER A 347 -11.81 14.31 -10.16
CA SER A 347 -11.20 13.07 -10.66
C SER A 347 -10.31 12.40 -9.61
N GLN A 348 -9.55 13.20 -8.87
CA GLN A 348 -8.70 12.70 -7.80
C GLN A 348 -9.52 12.07 -6.68
N LYS A 349 -10.63 12.73 -6.35
CA LYS A 349 -11.55 12.27 -5.32
C LYS A 349 -12.18 10.96 -5.74
N LEU A 350 -12.68 10.89 -6.99
CA LEU A 350 -13.27 9.66 -7.49
C LEU A 350 -12.26 8.52 -7.45
N ALA A 351 -11.01 8.82 -7.88
CA ALA A 351 -9.97 7.80 -7.88
C ALA A 351 -9.83 7.17 -6.51
N ALA A 352 -9.73 8.03 -5.48
CA ALA A 352 -9.68 7.57 -4.11
C ALA A 352 -10.84 6.62 -3.80
N ALA A 353 -12.08 7.03 -4.10
CA ALA A 353 -13.26 6.20 -3.83
C ALA A 353 -13.14 4.87 -4.55
N VAL A 354 -12.68 4.89 -5.80
CA VAL A 354 -12.70 3.67 -6.58
C VAL A 354 -11.71 2.65 -6.01
N TYR A 355 -10.45 3.05 -5.84
CA TYR A 355 -9.48 2.07 -5.36
C TYR A 355 -9.72 1.66 -3.91
N MET A 356 -10.27 2.57 -3.06
CA MET A 356 -10.43 2.27 -1.65
C MET A 356 -11.71 1.49 -1.36
N LEU A 357 -12.67 1.46 -2.30
CA LEU A 357 -13.94 0.77 -2.03
C LEU A 357 -14.00 -0.55 -2.78
N ALA A 358 -12.89 -0.91 -3.44
CA ALA A 358 -12.67 -2.25 -3.91
C ALA A 358 -12.43 -3.17 -2.71
N PRO A 359 -12.69 -4.49 -2.80
CA PRO A 359 -12.35 -5.43 -1.74
C PRO A 359 -10.88 -5.40 -1.38
N GLY A 360 -10.63 -5.69 -0.11
CA GLY A 360 -9.26 -5.91 0.32
C GLY A 360 -8.73 -4.77 1.18
N ASN A 361 -7.42 -4.52 1.02
CA ASN A 361 -6.72 -3.51 1.79
C ASN A 361 -6.09 -2.51 0.83
N PRO A 362 -6.62 -1.29 0.68
CA PRO A 362 -5.92 -0.29 -0.12
C PRO A 362 -4.72 0.29 0.65
N PHE A 363 -3.78 0.80 -0.12
CA PHE A 363 -2.56 1.41 0.38
C PHE A 363 -2.48 2.85 -0.13
N ILE A 364 -2.64 3.76 0.79
CA ILE A 364 -2.45 5.16 0.51
C ILE A 364 -0.96 5.43 0.64
N TYR A 365 -0.41 6.10 -0.37
CA TYR A 365 0.98 6.55 -0.30
C TYR A 365 1.07 7.88 0.44
N TYR A 366 1.99 8.05 1.43
CA TYR A 366 2.01 9.27 2.26
C TYR A 366 2.05 10.47 1.32
N GLY A 367 1.17 11.43 1.62
CA GLY A 367 1.11 12.68 0.87
C GLY A 367 0.10 12.62 -0.28
N GLU A 368 -0.29 11.43 -0.70
CA GLU A 368 -1.35 11.29 -1.68
C GLU A 368 -2.63 12.02 -1.23
N GLU A 369 -2.92 11.97 0.08
CA GLU A 369 -4.17 12.48 0.60
C GLU A 369 -4.22 14.00 0.57
N ILE A 370 -3.08 14.66 0.37
CA ILE A 370 -3.06 16.11 0.20
C ILE A 370 -2.55 16.48 -1.20
N GLY A 371 -2.45 15.50 -2.13
CA GLY A 371 -2.11 15.76 -3.54
C GLY A 371 -0.66 16.16 -3.81
N ILE A 372 0.32 15.64 -3.05
CA ILE A 372 1.73 15.87 -3.36
C ILE A 372 2.04 15.31 -4.75
N LYS A 373 2.77 16.09 -5.56
CA LYS A 373 3.10 15.67 -6.92
CA LYS A 373 3.10 15.69 -6.94
C LYS A 373 4.59 15.38 -7.04
N ALA A 374 4.97 14.69 -8.12
CA ALA A 374 6.39 14.51 -8.40
C ALA A 374 6.87 15.67 -9.26
N PRO A 375 7.96 16.38 -8.92
CA PRO A 375 8.44 17.46 -9.80
C PRO A 375 9.00 17.04 -11.15
N ASN A 376 9.37 15.76 -11.27
CA ASN A 376 9.63 15.16 -12.57
C ASN A 376 9.24 13.68 -12.53
N THR A 377 9.06 13.10 -13.72
CA THR A 377 8.40 11.81 -13.83
C THR A 377 9.44 10.69 -13.92
N THR A 378 10.73 11.04 -14.04
CA THR A 378 11.76 10.08 -14.45
C THR A 378 12.74 9.73 -13.32
N ASN A 379 12.83 10.54 -12.26
CA ASN A 379 13.81 10.37 -11.18
C ASN A 379 13.06 9.82 -9.97
N ASP A 380 13.46 8.63 -9.47
CA ASP A 380 12.79 8.02 -8.33
C ASP A 380 12.72 8.94 -7.11
N ALA A 381 13.75 9.76 -6.90
CA ALA A 381 13.75 10.65 -5.73
C ALA A 381 12.57 11.61 -5.78
N ALA A 382 12.12 11.94 -7.01
CA ALA A 382 11.01 12.87 -7.16
C ALA A 382 9.67 12.21 -6.77
N TYR A 383 9.67 10.89 -6.57
CA TYR A 383 8.49 10.16 -6.11
C TYR A 383 8.41 10.17 -4.58
N ARG A 384 9.44 10.68 -3.93
CA ARG A 384 9.59 10.60 -2.48
C ARG A 384 9.81 11.98 -1.86
N THR A 385 9.06 12.97 -2.30
CA THR A 385 9.21 14.33 -1.80
C THR A 385 8.67 14.46 -0.38
N GLN A 386 8.95 15.66 0.17
CA GLN A 386 8.79 15.98 1.57
C GLN A 386 7.33 16.16 1.92
N MET A 387 6.89 15.47 2.96
CA MET A 387 5.52 15.57 3.42
C MET A 387 5.28 17.00 3.93
N VAL A 388 4.08 17.55 3.66
CA VAL A 388 3.78 18.93 3.99
C VAL A 388 2.65 18.94 5.01
N PHE A 389 3.00 19.03 6.31
CA PHE A 389 1.97 19.13 7.34
C PHE A 389 1.36 20.52 7.42
N ASP A 390 2.02 21.54 6.85
CA ASP A 390 1.57 22.92 6.96
C ASP A 390 2.26 23.73 5.88
N SER A 391 1.51 24.19 4.88
CA SER A 391 2.13 24.82 3.72
C SER A 391 2.62 26.23 4.04
N GLU A 392 2.30 26.73 5.23
CA GLU A 392 2.85 28.00 5.67
C GLU A 392 4.24 27.81 6.27
N ASN A 393 4.54 26.58 6.70
CA ASN A 393 5.78 26.23 7.39
C ASN A 393 6.34 24.97 6.73
N LEU A 394 6.87 25.18 5.53
CA LEU A 394 7.22 24.11 4.60
C LEU A 394 8.32 23.25 5.21
N PRO A 395 8.35 21.96 4.86
CA PRO A 395 9.35 21.08 5.45
C PRO A 395 10.74 21.45 4.96
N ASP A 396 11.75 20.93 5.68
CA ASP A 396 13.18 21.13 5.39
C ASP A 396 13.80 19.74 5.46
N ILE A 397 13.54 18.93 4.44
CA ILE A 397 14.01 17.55 4.39
C ILE A 397 14.75 17.38 3.07
N TYR A 398 15.92 16.73 3.16
CA TYR A 398 16.75 16.42 2.03
C TYR A 398 16.41 15.05 1.46
N VAL A 399 16.25 15.00 0.15
CA VAL A 399 15.98 13.75 -0.56
C VAL A 399 17.06 13.61 -1.64
N ASN A 400 17.96 12.64 -1.47
CA ASN A 400 19.12 12.53 -2.34
C ASN A 400 18.66 12.43 -3.80
N GLY A 401 19.18 13.32 -4.65
CA GLY A 401 18.76 13.39 -6.03
C GLY A 401 17.85 14.58 -6.35
N ILE A 402 17.14 15.15 -5.34
CA ILE A 402 16.30 16.32 -5.57
C ILE A 402 16.54 17.44 -4.55
N GLY A 403 17.47 17.27 -3.61
CA GLY A 403 17.80 18.37 -2.69
C GLY A 403 16.76 18.52 -1.58
N ASP A 404 16.65 19.75 -1.04
CA ASP A 404 15.79 19.98 0.11
C ASP A 404 14.76 21.08 -0.12
N GLU A 405 14.61 21.59 -1.35
CA GLU A 405 13.67 22.68 -1.58
C GLU A 405 12.26 22.10 -1.69
N PRO A 406 11.28 22.52 -0.86
CA PRO A 406 9.92 21.99 -0.95
C PRO A 406 9.00 22.58 -2.03
N ASP A 407 8.28 21.72 -2.75
CA ASP A 407 7.16 22.05 -3.61
CA ASP A 407 7.19 22.19 -3.60
C ASP A 407 5.93 22.34 -2.75
N VAL A 408 5.13 23.36 -3.11
CA VAL A 408 3.86 23.62 -2.43
C VAL A 408 2.71 22.85 -3.09
N PRO A 409 1.97 21.98 -2.34
CA PRO A 409 0.78 21.33 -2.89
C PRO A 409 -0.25 22.39 -3.27
N THR A 410 -0.98 22.16 -4.35
CA THR A 410 -1.94 23.14 -4.84
C THR A 410 -3.00 23.45 -3.77
N GLY A 411 -3.36 22.41 -3.00
CA GLY A 411 -4.38 22.54 -1.96
C GLY A 411 -3.85 22.90 -0.59
N GLY A 412 -2.56 23.28 -0.49
CA GLY A 412 -1.92 23.48 0.79
C GLY A 412 -1.58 22.18 1.53
N GLY A 413 -1.09 22.36 2.77
CA GLY A 413 -0.63 21.26 3.62
C GLY A 413 -1.79 20.65 4.42
N VAL A 414 -1.45 19.68 5.27
CA VAL A 414 -2.43 18.98 6.07
C VAL A 414 -3.30 19.99 6.82
N LYS A 415 -2.68 20.97 7.44
CA LYS A 415 -3.40 21.89 8.32
C LYS A 415 -4.44 22.67 7.51
N GLN A 416 -4.02 23.16 6.33
CA GLN A 416 -4.91 23.86 5.40
C GLN A 416 -6.10 22.98 4.99
N GLN A 417 -5.79 21.72 4.61
CA GLN A 417 -6.76 20.84 3.98
C GLN A 417 -7.75 20.30 5.02
N LEU A 418 -7.31 20.12 6.26
CA LEU A 418 -8.22 19.63 7.29
C LEU A 418 -9.33 20.65 7.48
N ALA A 419 -9.00 21.93 7.31
CA ALA A 419 -9.98 22.97 7.63
C ALA A 419 -11.04 23.11 6.54
N ASP A 420 -10.64 22.84 5.30
CA ASP A 420 -11.48 23.01 4.14
C ASP A 420 -12.29 21.75 3.95
N LYS A 421 -13.62 21.87 4.10
CA LYS A 421 -14.48 20.70 4.01
C LYS A 421 -14.43 20.06 2.64
N ASP A 422 -14.06 20.81 1.59
CA ASP A 422 -14.05 20.37 0.21
C ASP A 422 -12.69 19.82 -0.24
N SER A 423 -11.71 19.68 0.68
CA SER A 423 -10.36 19.24 0.34
C SER A 423 -10.30 17.77 -0.06
N LEU A 424 -9.26 17.43 -0.82
CA LEU A 424 -8.94 16.03 -1.08
C LEU A 424 -8.85 15.25 0.23
N LEU A 425 -8.13 15.81 1.20
CA LEU A 425 -7.85 15.08 2.43
C LEU A 425 -9.16 14.71 3.11
N ASN A 426 -10.10 15.65 3.13
CA ASN A 426 -11.34 15.34 3.84
C ASN A 426 -12.16 14.28 3.09
N TYR A 427 -11.94 14.14 1.79
CA TYR A 427 -12.62 13.10 1.00
C TYR A 427 -12.09 11.74 1.43
N TYR A 428 -10.74 11.62 1.56
CA TYR A 428 -10.16 10.39 2.09
C TYR A 428 -10.75 10.08 3.47
N ARG A 429 -10.85 11.10 4.32
CA ARG A 429 -11.32 10.90 5.68
C ARG A 429 -12.71 10.30 5.64
N ARG A 430 -13.56 10.77 4.73
CA ARG A 430 -14.94 10.32 4.67
C ARG A 430 -15.02 8.89 4.14
N ILE A 431 -14.18 8.61 3.14
CA ILE A 431 -14.11 7.24 2.65
C ILE A 431 -13.81 6.27 3.78
N ILE A 432 -12.82 6.64 4.61
CA ILE A 432 -12.42 5.77 5.70
C ILE A 432 -13.59 5.58 6.68
N THR A 433 -14.28 6.66 7.02
CA THR A 433 -15.43 6.58 7.92
C THR A 433 -16.52 5.65 7.34
N ILE A 434 -16.85 5.77 6.08
CA ILE A 434 -17.81 4.90 5.43
C ILE A 434 -17.34 3.44 5.53
N LYS A 435 -16.05 3.18 5.36
CA LYS A 435 -15.55 1.82 5.50
C LYS A 435 -15.71 1.30 6.93
N ASN A 436 -15.42 2.19 7.89
CA ASN A 436 -15.58 1.84 9.31
C ASN A 436 -17.06 1.67 9.71
N GLN A 437 -18.00 2.03 8.84
CA GLN A 437 -19.42 1.84 9.09
C GLN A 437 -19.97 0.64 8.31
N ASN A 438 -19.15 0.03 7.44
CA ASN A 438 -19.63 -0.94 6.47
C ASN A 438 -18.58 -2.01 6.21
N PRO A 439 -18.43 -2.98 7.14
CA PRO A 439 -17.32 -3.92 7.08
C PRO A 439 -17.29 -4.79 5.83
N GLU A 440 -18.43 -4.92 5.17
CA GLU A 440 -18.55 -5.80 4.03
C GLU A 440 -17.64 -5.31 2.90
N ILE A 441 -17.44 -3.99 2.81
CA ILE A 441 -16.75 -3.44 1.64
C ILE A 441 -15.36 -4.09 1.52
N ALA A 442 -14.57 -4.11 2.61
CA ALA A 442 -13.21 -4.63 2.58
C ALA A 442 -13.21 -6.15 2.59
N ARG A 443 -14.14 -6.73 3.36
CA ARG A 443 -14.07 -8.16 3.74
C ARG A 443 -14.80 -9.10 2.77
N GLY A 444 -15.65 -8.54 1.92
CA GLY A 444 -16.53 -9.34 1.07
C GLY A 444 -15.88 -9.74 -0.26
N ARG A 445 -16.68 -10.40 -1.09
CA ARG A 445 -16.35 -10.70 -2.48
C ARG A 445 -17.40 -10.07 -3.38
N ILE A 446 -16.97 -9.69 -4.60
CA ILE A 446 -17.91 -9.16 -5.58
C ILE A 446 -18.64 -10.32 -6.24
N VAL A 447 -19.94 -10.38 -6.00
CA VAL A 447 -20.73 -11.49 -6.51
C VAL A 447 -21.38 -11.16 -7.86
N GLY A 448 -21.31 -9.90 -8.28
CA GLY A 448 -21.87 -9.53 -9.58
C GLY A 448 -21.71 -8.05 -9.84
N THR A 449 -21.75 -7.68 -11.13
CA THR A 449 -21.95 -6.28 -11.50
C THR A 449 -23.45 -6.00 -11.67
N GLN A 450 -23.77 -4.71 -11.64
CA GLN A 450 -25.09 -4.22 -11.93
C GLN A 450 -24.99 -3.25 -13.10
N GLY A 451 -25.66 -3.58 -14.20
CA GLY A 451 -25.67 -2.71 -15.36
C GLY A 451 -26.73 -1.65 -15.20
N PHE A 452 -26.43 -0.47 -15.75
CA PHE A 452 -27.35 0.64 -15.81
C PHE A 452 -27.41 1.23 -17.21
N ASP A 453 -27.16 0.38 -18.22
CA ASP A 453 -27.27 0.75 -19.63
C ASP A 453 -26.50 2.04 -19.90
N ASP A 454 -25.28 2.11 -19.39
CA ASP A 454 -24.49 3.33 -19.42
C ASP A 454 -23.04 2.98 -19.08
N LYS A 455 -22.18 3.06 -20.09
CA LYS A 455 -20.77 2.70 -19.94
C LYS A 455 -20.08 3.57 -18.88
N THR A 456 -20.65 4.75 -18.55
CA THR A 456 -20.03 5.61 -17.54
C THR A 456 -20.28 5.10 -16.13
N VAL A 457 -21.26 4.23 -15.93
CA VAL A 457 -21.63 3.84 -14.59
C VAL A 457 -21.03 2.47 -14.27
N GLY A 458 -20.27 2.41 -13.18
CA GLY A 458 -19.71 1.14 -12.73
C GLY A 458 -20.28 0.79 -11.36
N ALA A 459 -21.01 -0.32 -11.29
CA ALA A 459 -21.71 -0.76 -10.11
C ALA A 459 -21.46 -2.23 -9.88
N TYR A 460 -21.26 -2.60 -8.63
CA TYR A 460 -21.14 -4.00 -8.28
C TYR A 460 -21.71 -4.30 -6.90
N TYR A 461 -22.03 -5.58 -6.66
CA TYR A 461 -22.51 -6.09 -5.39
C TYR A 461 -21.35 -6.75 -4.66
N VAL A 462 -21.04 -6.23 -3.46
CA VAL A 462 -20.07 -6.88 -2.58
C VAL A 462 -20.83 -7.51 -1.40
N GLU A 463 -20.52 -8.79 -1.14
CA GLU A 463 -21.25 -9.58 -0.17
C GLU A 463 -20.25 -10.20 0.79
N TYR A 464 -20.55 -10.05 2.09
CA TYR A 464 -19.74 -10.65 3.12
C TYR A 464 -20.67 -11.44 4.03
N GLU A 465 -20.61 -12.77 3.91
CA GLU A 465 -21.57 -13.71 4.49
C GLU A 465 -23.02 -13.24 4.30
N ASP A 466 -23.68 -12.83 5.39
CA ASP A 466 -25.12 -12.61 5.34
C ASP A 466 -25.46 -11.21 4.82
N SER A 467 -24.49 -10.46 4.26
CA SER A 467 -24.73 -9.04 4.08
C SER A 467 -24.17 -8.53 2.76
N LYS A 468 -25.03 -7.85 1.99
CA LYS A 468 -24.70 -7.38 0.66
C LYS A 468 -24.88 -5.87 0.52
N LEU A 469 -23.92 -5.24 -0.19
CA LEU A 469 -24.04 -3.83 -0.55
C LEU A 469 -23.94 -3.66 -2.05
N LEU A 470 -24.58 -2.60 -2.53
CA LEU A 470 -24.43 -2.23 -3.91
C LEU A 470 -23.67 -0.91 -3.97
N ILE A 471 -22.51 -0.96 -4.62
CA ILE A 471 -21.66 0.22 -4.77
C ILE A 471 -21.76 0.71 -6.20
N ILE A 472 -22.10 2.00 -6.34
CA ILE A 472 -22.29 2.60 -7.63
C ILE A 472 -21.41 3.82 -7.80
N HIS A 473 -20.60 3.81 -8.86
CA HIS A 473 -19.77 4.95 -9.26
C HIS A 473 -20.27 5.56 -10.57
N ASN A 474 -20.40 6.88 -10.62
CA ASN A 474 -20.69 7.57 -11.85
C ASN A 474 -19.40 8.21 -12.35
N PHE A 475 -18.79 7.62 -13.38
CA PHE A 475 -17.54 8.15 -13.89
C PHE A 475 -17.76 9.36 -14.77
N SER A 476 -19.01 9.70 -15.10
CA SER A 476 -19.19 10.86 -15.95
C SER A 476 -18.66 12.11 -15.29
N LYS A 477 -17.88 12.89 -16.06
CA LYS A 477 -17.30 14.12 -15.57
C LYS A 477 -18.37 15.19 -15.44
N ASN A 478 -19.35 15.20 -16.35
CA ASN A 478 -20.26 16.34 -16.48
C ASN A 478 -21.72 16.00 -16.18
N ASP A 479 -22.10 14.72 -16.20
CA ASP A 479 -23.52 14.38 -16.21
C ASP A 479 -23.93 13.61 -14.94
N ALA A 480 -24.95 14.12 -14.22
CA ALA A 480 -25.67 13.33 -13.22
C ALA A 480 -26.40 12.17 -13.87
N LYS A 481 -26.59 11.09 -13.10
CA LYS A 481 -27.31 9.91 -13.55
C LYS A 481 -28.47 9.62 -12.61
N GLU A 482 -29.70 9.62 -13.16
CA GLU A 482 -30.85 9.25 -12.36
C GLU A 482 -31.09 7.75 -12.55
N LEU A 483 -30.77 6.98 -11.51
CA LEU A 483 -30.81 5.53 -11.57
C LEU A 483 -32.03 4.98 -10.83
N THR A 484 -32.54 3.86 -11.32
CA THR A 484 -33.66 3.20 -10.68
C THR A 484 -33.15 1.98 -9.92
N ILE A 485 -33.45 1.92 -8.62
CA ILE A 485 -33.08 0.76 -7.81
C ILE A 485 -34.34 -0.04 -7.52
N THR A 486 -34.32 -1.31 -7.92
CA THR A 486 -35.46 -2.19 -7.74
C THR A 486 -35.19 -3.15 -6.58
N ASP A 487 -36.27 -3.81 -6.11
CA ASP A 487 -36.15 -4.84 -5.09
C ASP A 487 -35.32 -6.03 -5.55
N ASP A 488 -35.30 -6.33 -6.87
CA ASP A 488 -34.48 -7.40 -7.38
C ASP A 488 -32.99 -7.09 -7.16
N MET A 489 -32.62 -5.80 -7.19
CA MET A 489 -31.23 -5.41 -6.98
C MET A 489 -30.87 -5.46 -5.48
N ILE A 490 -31.53 -4.64 -4.69
CA ILE A 490 -31.39 -4.63 -3.24
C ILE A 490 -32.81 -4.54 -2.68
N LYS A 491 -33.25 -5.52 -1.90
CA LYS A 491 -34.59 -5.48 -1.33
C LYS A 491 -34.69 -4.33 -0.32
N ASN A 492 -35.79 -3.56 -0.39
CA ASN A 492 -36.04 -2.44 0.51
C ASN A 492 -34.82 -1.54 0.58
N ALA A 493 -34.39 -1.07 -0.60
CA ALA A 493 -33.14 -0.33 -0.70
C ALA A 493 -33.21 0.98 0.08
N THR A 494 -32.10 1.30 0.76
CA THR A 494 -31.86 2.61 1.34
C THR A 494 -30.48 3.11 0.91
N LEU A 495 -30.29 4.43 1.02
CA LEU A 495 -28.97 5.04 0.81
C LEU A 495 -28.18 4.96 2.11
N ARG A 496 -27.08 4.19 2.05
CA ARG A 496 -26.18 3.98 3.17
C ARG A 496 -25.08 5.04 3.26
N ALA A 497 -24.56 5.48 2.11
CA ALA A 497 -23.53 6.49 2.09
C ALA A 497 -23.44 7.14 0.70
N ASP A 498 -22.95 8.38 0.69
CA ASP A 498 -22.63 9.06 -0.57
C ASP A 498 -21.25 9.71 -0.47
N LEU A 499 -20.69 9.95 -1.66
CA LEU A 499 -19.42 10.60 -1.87
C LEU A 499 -19.60 11.42 -3.13
N ILE A 500 -19.80 12.71 -2.95
CA ILE A 500 -20.14 13.61 -4.04
C ILE A 500 -19.07 14.68 -4.10
N PRO A 501 -18.15 14.67 -5.09
CA PRO A 501 -16.97 15.53 -5.01
C PRO A 501 -17.16 17.02 -5.27
N GLU A 502 -18.23 17.41 -5.92
CA GLU A 502 -18.37 18.81 -6.33
C GLU A 502 -18.49 19.74 -5.12
N SER A 503 -19.06 19.21 -4.02
CA SER A 503 -19.38 19.98 -2.82
C SER A 503 -19.65 19.05 -1.65
N SER A 504 -19.01 19.32 -0.51
CA SER A 504 -19.21 18.53 0.68
C SER A 504 -20.58 18.77 1.30
N SER A 505 -21.26 19.84 0.87
CA SER A 505 -22.60 20.17 1.37
C SER A 505 -23.70 19.43 0.61
N LYS A 506 -23.35 18.80 -0.53
CA LYS A 506 -24.36 18.22 -1.40
C LYS A 506 -24.49 16.75 -1.06
N HIS A 507 -25.72 16.29 -0.82
CA HIS A 507 -26.01 14.88 -0.65
C HIS A 507 -27.13 14.46 -1.60
N THR A 508 -27.29 13.16 -1.79
CA THR A 508 -28.42 12.67 -2.55
C THR A 508 -29.29 11.78 -1.67
N GLU A 509 -30.30 11.17 -2.29
CA GLU A 509 -31.30 10.38 -1.57
C GLU A 509 -31.96 9.38 -2.53
N LEU A 510 -32.52 8.33 -1.94
CA LEU A 510 -33.30 7.35 -2.66
C LEU A 510 -34.77 7.63 -2.36
N LYS A 511 -35.54 7.93 -3.42
CA LYS A 511 -36.92 8.37 -3.27
C LYS A 511 -37.76 7.73 -4.36
N ASP A 512 -38.75 6.93 -3.96
CA ASP A 512 -39.59 6.18 -4.88
C ASP A 512 -38.73 5.39 -5.85
N GLY A 513 -37.62 4.83 -5.34
CA GLY A 513 -36.80 3.91 -6.10
C GLY A 513 -35.81 4.60 -7.04
N LYS A 514 -35.79 5.95 -7.05
CA LYS A 514 -34.89 6.70 -7.93
C LYS A 514 -33.82 7.40 -7.09
N ILE A 515 -32.58 7.40 -7.59
CA ILE A 515 -31.48 8.10 -6.94
C ILE A 515 -30.65 8.82 -7.99
N SER A 516 -30.43 10.12 -7.74
CA SER A 516 -29.57 10.92 -8.56
C SER A 516 -28.14 10.77 -8.07
N VAL A 517 -27.26 10.27 -8.96
CA VAL A 517 -25.85 10.15 -8.65
C VAL A 517 -25.14 11.26 -9.42
N PRO A 518 -24.59 12.29 -8.75
CA PRO A 518 -23.93 13.38 -9.44
C PRO A 518 -22.65 12.94 -10.16
N PRO A 519 -22.06 13.84 -10.97
CA PRO A 519 -20.83 13.54 -11.70
C PRO A 519 -19.75 13.06 -10.73
N GLN A 520 -19.02 12.01 -11.13
CA GLN A 520 -17.85 11.51 -10.40
C GLN A 520 -18.18 11.14 -8.94
N SER A 521 -19.42 10.77 -8.68
CA SER A 521 -19.89 10.44 -7.35
C SER A 521 -20.06 8.93 -7.17
N THR A 522 -20.07 8.57 -5.89
CA THR A 522 -20.25 7.20 -5.43
C THR A 522 -21.44 7.16 -4.49
N VAL A 523 -22.30 6.14 -4.62
CA VAL A 523 -23.29 5.87 -3.58
C VAL A 523 -23.23 4.41 -3.19
N ILE A 524 -23.70 4.14 -1.98
CA ILE A 524 -23.73 2.77 -1.46
C ILE A 524 -25.14 2.47 -1.00
N ILE A 525 -25.70 1.38 -1.54
CA ILE A 525 -27.10 1.03 -1.31
C ILE A 525 -27.16 -0.22 -0.43
N LYS A 526 -28.06 -0.24 0.54
CA LYS A 526 -28.13 -1.34 1.49
C LYS A 526 -29.59 -1.57 1.84
N SER A 527 -29.94 -2.81 2.19
CA SER A 527 -31.31 -3.09 2.60
C SER A 527 -31.58 -2.42 3.94
N ALA A 528 -32.80 -1.89 4.10
CA ALA A 528 -33.28 -1.30 5.35
C ALA A 528 -33.08 -2.25 6.53
C1 GLC B . 15.81 0.81 -4.59
C2 GLC B . 15.62 2.29 -4.56
C3 GLC B . 15.73 2.77 -5.95
C4 GLC B . 17.09 2.35 -6.55
C5 GLC B . 17.36 0.87 -6.34
C6 GLC B . 18.80 0.56 -6.60
O2 GLC B . 14.38 2.63 -3.93
O3 GLC B . 15.56 4.21 -5.99
O4 GLC B . 17.19 2.56 -7.96
O5 GLC B . 17.10 0.50 -4.98
O6 GLC B . 19.64 1.35 -5.80
C1 GLC B . 21.01 0.96 -5.82
C2 GLC B . 21.78 1.97 -4.99
C3 GLC B . 21.83 3.33 -5.72
C4 GLC B . 22.34 3.12 -7.16
C5 GLC B . 21.46 2.12 -7.86
C6 GLC B . 21.73 1.86 -9.34
O2 GLC B . 21.22 2.09 -3.68
O3 GLC B . 22.64 4.25 -5.00
O4 GLC B . 22.29 4.38 -7.87
O5 GLC B . 21.57 0.87 -7.14
O6 GLC B . 23.06 1.44 -9.54
O4' PBW C . 14.75 0.13 -5.15
O7 PBW C . 13.63 -4.61 -4.67
C1' PBW C . 12.15 -2.93 -3.83
C2' PBW C . 11.84 -1.50 -3.45
O2' PBW C . 10.45 -1.17 -3.35
C3' PBW C . 12.54 -0.55 -4.41
O3' PBW C . 12.31 0.81 -4.02
C4' PBW C . 14.03 -0.88 -4.41
C5' PBW C . 14.31 -2.25 -5.03
O6' PBW C . 16.36 -2.62 -3.75
C6' PBW C . 15.76 -2.61 -5.05
C7' PBW C . 13.55 -3.27 -4.15
C7 A1IHI D . 19.49 8.40 -14.08
C8 A1IHI D . 20.78 9.08 -13.69
C1 A1IHI D . 17.72 3.84 -8.33
C5 A1IHI D . 19.05 6.77 -12.12
C6 A1IHI D . 19.39 6.95 -13.60
C4 A1IHI D . 18.61 5.37 -11.74
C3 A1IHI D . 18.55 5.19 -10.23
C2 A1IHI D . 18.15 3.81 -9.76
N9 A1IHI D . 21.07 10.40 -14.29
CA CA E . 15.91 13.70 11.63
CA CA F . 16.52 -13.95 -6.02
CA CA G . -11.09 10.06 14.93
#